data_1SFX
#
_entry.id   1SFX
#
_cell.length_a   64.265
_cell.length_b   59.634
_cell.length_c   63.498
_cell.angle_alpha   90.00
_cell.angle_beta   90.11
_cell.angle_gamma   90.00
#
_symmetry.space_group_name_H-M   'C 1 2 1'
#
loop_
_entity.id
_entity.type
_entity.pdbx_description
1 polymer 'Conserved hypothetical protein AF2008'
2 non-polymer 'CHLORIDE ION'
3 non-polymer 1,2-ETHANEDIOL
4 water water
#
_entity_poly.entity_id   1
_entity_poly.type   'polypeptide(L)'
_entity_poly.pdbx_seq_one_letter_code
;H(MSE)SNPLGELVKALEKLSFKPSDVRIYSLLLERGG(MSE)RVSEIARELDLSARFVRDRLKVLLKRGFVRREIVEKG
WVGYIYSAEKPEKVLKEFKSSILGEIERIEK(MSE)FTDGS
;
_entity_poly.pdbx_strand_id   A,B
#
# COMPACT_ATOMS: atom_id res chain seq x y z
N HIS A 1 -13.69 -19.82 5.42
CA HIS A 1 -13.05 -20.27 4.14
C HIS A 1 -13.25 -19.28 2.99
N SER A 3 -12.89 -16.16 0.52
CA SER A 3 -11.85 -15.24 0.12
C SER A 3 -12.20 -13.85 0.63
N ASN A 4 -11.17 -13.05 0.87
CA ASN A 4 -11.30 -11.82 1.63
C ASN A 4 -10.64 -10.66 0.86
N PRO A 5 -11.39 -9.65 0.43
CA PRO A 5 -10.79 -8.56 -0.36
C PRO A 5 -9.76 -7.77 0.43
N LEU A 6 -9.96 -7.57 1.73
CA LEU A 6 -8.95 -6.87 2.52
C LEU A 6 -7.66 -7.66 2.60
N GLY A 7 -7.77 -8.99 2.79
CA GLY A 7 -6.59 -9.84 2.86
C GLY A 7 -5.82 -9.81 1.55
N GLU A 8 -6.54 -9.81 0.42
CA GLU A 8 -5.91 -9.77 -0.89
C GLU A 8 -5.19 -8.44 -1.09
N LEU A 9 -5.81 -7.36 -0.64
CA LEU A 9 -5.21 -6.04 -0.74
C LEU A 9 -3.95 -5.93 0.12
N VAL A 10 -3.95 -6.55 1.30
CA VAL A 10 -2.76 -6.60 2.15
C VAL A 10 -1.61 -7.25 1.38
N LYS A 11 -1.87 -8.37 0.72
CA LYS A 11 -0.84 -9.08 -0.06
C LYS A 11 -0.30 -8.20 -1.19
N ALA A 12 -1.19 -7.47 -1.86
CA ALA A 12 -0.83 -6.58 -2.96
C ALA A 12 0.04 -5.44 -2.45
N LEU A 13 -0.32 -4.88 -1.30
CA LEU A 13 0.45 -3.77 -0.74
C LEU A 13 1.84 -4.26 -0.35
N GLU A 14 1.94 -5.48 0.17
CA GLU A 14 3.25 -6.04 0.53
C GLU A 14 4.10 -6.18 -0.70
N LYS A 15 3.51 -6.68 -1.78
CA LYS A 15 4.23 -6.93 -3.03
C LYS A 15 4.79 -5.64 -3.61
N LEU A 16 4.07 -4.53 -3.42
CA LEU A 16 4.48 -3.24 -3.96
C LEU A 16 5.17 -2.33 -2.92
N SER A 17 5.45 -2.86 -1.73
CA SER A 17 6.12 -2.11 -0.66
C SER A 17 7.55 -1.75 -1.03
N PHE A 18 8.09 -0.77 -0.32
CA PHE A 18 9.47 -0.32 -0.50
C PHE A 18 10.27 -0.63 0.73
N LYS A 19 11.50 -1.10 0.55
CA LYS A 19 12.44 -1.14 1.67
C LYS A 19 12.90 0.29 1.96
N PRO A 20 13.13 0.59 3.22
CA PRO A 20 13.69 1.90 3.60
C PRO A 20 14.93 2.27 2.78
N SER A 21 15.77 1.28 2.52
CA SER A 21 16.98 1.50 1.73
C SER A 21 16.65 1.91 0.29
N ASP A 22 15.55 1.39 -0.27
CA ASP A 22 15.13 1.81 -1.61
C ASP A 22 14.84 3.29 -1.66
N VAL A 23 14.18 3.78 -0.62
CA VAL A 23 13.88 5.20 -0.50
C VAL A 23 15.18 6.02 -0.42
N ARG A 24 16.14 5.56 0.38
CA ARG A 24 17.40 6.27 0.54
C ARG A 24 18.18 6.32 -0.78
N ILE A 25 18.21 5.20 -1.51
CA ILE A 25 18.92 5.14 -2.78
C ILE A 25 18.25 6.07 -3.79
N TYR A 26 16.94 5.88 -3.97
CA TYR A 26 16.20 6.72 -4.89
C TYR A 26 16.37 8.21 -4.58
N SER A 27 16.21 8.59 -3.31
CA SER A 27 16.27 10.00 -2.91
C SER A 27 17.67 10.60 -3.12
N LEU A 28 18.70 9.82 -2.81
CA LEU A 28 20.08 10.22 -3.06
C LEU A 28 20.30 10.51 -4.55
N LEU A 29 19.86 9.60 -5.41
CA LEU A 29 20.05 9.77 -6.84
C LEU A 29 19.25 10.97 -7.37
N LEU A 30 18.01 11.14 -6.94
CA LEU A 30 17.22 12.29 -7.39
C LEU A 30 17.92 13.60 -7.02
N GLU A 31 18.49 13.65 -5.82
CA GLU A 31 19.15 14.85 -5.34
C GLU A 31 20.49 15.13 -6.03
N ARG A 32 21.32 14.09 -6.15
CA ARG A 32 22.72 14.25 -6.53
C ARG A 32 23.00 14.00 -8.02
N GLY A 33 22.11 13.31 -8.70
CA GLY A 33 22.38 12.90 -10.06
C GLY A 33 22.86 11.45 -10.15
N GLY A 34 23.15 10.99 -11.37
CA GLY A 34 23.54 9.60 -11.56
C GLY A 34 24.81 9.25 -10.83
N ARG A 36 27.61 5.81 -9.53
CA ARG A 36 28.09 4.43 -9.56
C ARG A 36 27.59 3.68 -8.36
N VAL A 37 27.52 2.36 -8.48
CA VAL A 37 27.31 1.50 -7.32
C VAL A 37 28.26 1.85 -6.16
N SER A 38 29.54 2.03 -6.48
CA SER A 38 30.56 2.25 -5.44
C SER A 38 30.29 3.56 -4.70
N GLU A 39 29.82 4.57 -5.42
CA GLU A 39 29.55 5.89 -4.84
C GLU A 39 28.33 5.81 -3.92
N ILE A 40 27.28 5.14 -4.38
CA ILE A 40 26.07 4.94 -3.59
C ILE A 40 26.41 4.20 -2.30
N ALA A 41 27.20 3.14 -2.43
CA ALA A 41 27.59 2.29 -1.31
C ALA A 41 28.31 3.13 -0.25
N ARG A 42 29.27 3.95 -0.67
CA ARG A 42 30.01 4.80 0.27
C ARG A 42 29.11 5.87 0.89
N GLU A 43 28.28 6.50 0.07
CA GLU A 43 27.45 7.60 0.52
C GLU A 43 26.46 7.15 1.58
N LEU A 44 25.89 5.97 1.40
CA LEU A 44 24.82 5.48 2.27
C LEU A 44 25.31 4.50 3.33
N ASP A 45 26.60 4.15 3.29
CA ASP A 45 27.17 3.15 4.18
C ASP A 45 26.39 1.83 4.06
N LEU A 46 26.26 1.38 2.82
CA LEU A 46 25.72 0.07 2.50
C LEU A 46 26.75 -0.72 1.71
N SER A 47 26.63 -2.04 1.71
CA SER A 47 27.54 -2.86 0.95
C SER A 47 27.21 -2.74 -0.54
N ALA A 48 28.23 -2.88 -1.38
CA ALA A 48 28.02 -2.83 -2.82
C ALA A 48 27.05 -3.91 -3.28
N ARG A 49 27.15 -5.11 -2.70
CA ARG A 49 26.24 -6.19 -3.07
C ARG A 49 24.81 -5.82 -2.76
N PHE A 50 24.56 -5.25 -1.59
CA PHE A 50 23.21 -4.88 -1.20
C PHE A 50 22.68 -3.78 -2.13
N VAL A 51 23.54 -2.82 -2.45
CA VAL A 51 23.16 -1.76 -3.39
C VAL A 51 22.79 -2.33 -4.77
N ARG A 52 23.62 -3.24 -5.29
CA ARG A 52 23.33 -3.89 -6.57
C ARG A 52 21.99 -4.60 -6.48
N ASP A 53 21.74 -5.30 -5.36
CA ASP A 53 20.50 -6.05 -5.19
C ASP A 53 19.27 -5.14 -5.24
N ARG A 54 19.32 -4.00 -4.54
CA ARG A 54 18.20 -3.07 -4.55
C ARG A 54 18.07 -2.35 -5.89
N LEU A 55 19.19 -2.04 -6.52
CA LEU A 55 19.13 -1.46 -7.86
C LEU A 55 18.41 -2.34 -8.86
N LYS A 56 18.62 -3.66 -8.81
CA LYS A 56 17.93 -4.57 -9.72
C LYS A 56 16.43 -4.38 -9.57
N VAL A 57 15.96 -4.33 -8.33
CA VAL A 57 14.54 -4.15 -8.05
C VAL A 57 14.05 -2.79 -8.55
N LEU A 58 14.79 -1.74 -8.27
CA LEU A 58 14.36 -0.40 -8.65
C LEU A 58 14.36 -0.22 -10.16
N LEU A 59 15.28 -0.89 -10.86
CA LEU A 59 15.32 -0.88 -12.31
C LEU A 59 14.09 -1.58 -12.89
N LYS A 60 13.79 -2.78 -12.38
CA LYS A 60 12.65 -3.54 -12.91
C LYS A 60 11.32 -2.84 -12.63
N ARG A 61 11.24 -2.14 -11.51
CA ARG A 61 10.02 -1.40 -11.14
C ARG A 61 9.87 -0.09 -11.90
N GLY A 62 10.90 0.34 -12.61
CA GLY A 62 10.81 1.55 -13.43
C GLY A 62 11.09 2.82 -12.65
N PHE A 63 11.76 2.71 -11.51
CA PHE A 63 12.03 3.88 -10.65
C PHE A 63 13.43 4.45 -10.81
N VAL A 64 14.34 3.62 -11.33
CA VAL A 64 15.73 3.98 -11.56
C VAL A 64 16.07 3.48 -12.95
N ARG A 65 16.96 4.21 -13.63
CA ARG A 65 17.46 3.82 -14.95
C ARG A 65 18.96 3.72 -14.88
N ARG A 66 19.57 3.07 -15.86
CA ARG A 66 21.03 3.07 -15.94
C ARG A 66 21.48 3.80 -17.19
N GLU A 67 22.71 4.29 -17.14
CA GLU A 67 23.31 4.88 -18.33
C GLU A 67 24.83 4.72 -18.34
N ILE A 68 25.34 4.55 -19.55
CA ILE A 68 26.75 4.36 -19.78
C ILE A 68 27.52 5.63 -19.47
N VAL A 69 28.70 5.42 -18.91
CA VAL A 69 29.72 6.43 -18.73
C VAL A 69 30.96 5.95 -19.47
N GLU A 70 31.51 6.83 -20.30
CA GLU A 70 32.82 6.61 -20.91
C GLU A 70 33.68 7.83 -20.62
N LYS A 71 34.39 7.79 -19.50
CA LYS A 71 35.15 8.95 -19.01
C LYS A 71 36.44 8.45 -18.35
N GLY A 72 37.22 7.72 -19.13
CA GLY A 72 38.38 7.02 -18.61
C GLY A 72 37.92 5.70 -18.02
N TRP A 73 37.26 5.78 -16.86
CA TRP A 73 36.47 4.67 -16.35
C TRP A 73 35.29 4.46 -17.28
N VAL A 74 34.97 3.18 -17.52
CA VAL A 74 33.80 2.83 -18.31
C VAL A 74 32.93 1.87 -17.53
N GLY A 75 31.63 2.15 -17.53
CA GLY A 75 30.71 1.41 -16.70
C GLY A 75 29.36 2.08 -16.71
N TYR A 76 28.46 1.55 -15.91
CA TYR A 76 27.11 2.12 -15.79
C TYR A 76 26.96 2.89 -14.49
N ILE A 77 26.22 3.98 -14.57
CA ILE A 77 25.73 4.68 -13.40
C ILE A 77 24.21 4.60 -13.40
N TYR A 78 23.63 4.96 -12.27
CA TYR A 78 22.22 4.77 -12.00
C TYR A 78 21.62 6.10 -11.65
N SER A 79 20.47 6.39 -12.26
CA SER A 79 19.80 7.68 -12.14
C SER A 79 18.33 7.48 -11.74
N ALA A 80 17.83 8.38 -10.92
CA ALA A 80 16.43 8.37 -10.54
C ALA A 80 15.56 8.75 -11.72
N GLU A 81 14.54 7.96 -12.01
CA GLU A 81 13.44 8.43 -12.84
C GLU A 81 12.75 9.57 -12.08
N LYS A 82 12.15 10.51 -12.82
CA LYS A 82 11.56 11.70 -12.21
C LYS A 82 10.31 11.31 -11.47
N PRO A 83 9.89 12.11 -10.50
CA PRO A 83 8.72 11.76 -9.69
C PRO A 83 7.47 11.44 -10.50
N GLU A 84 7.20 12.18 -11.56
CA GLU A 84 6.04 11.92 -12.40
C GLU A 84 6.07 10.50 -13.00
N LYS A 85 7.26 10.04 -13.38
CA LYS A 85 7.45 8.70 -13.94
C LYS A 85 7.26 7.64 -12.86
N VAL A 86 7.87 7.86 -11.70
CA VAL A 86 7.74 6.92 -10.58
C VAL A 86 6.26 6.74 -10.24
N LEU A 87 5.53 7.84 -10.16
CA LEU A 87 4.13 7.79 -9.74
C LEU A 87 3.25 7.15 -10.81
N LYS A 88 3.56 7.39 -12.08
CA LYS A 88 2.87 6.75 -13.20
C LYS A 88 3.04 5.23 -13.15
N GLU A 89 4.28 4.78 -12.92
CA GLU A 89 4.57 3.35 -12.87
C GLU A 89 3.92 2.70 -11.64
N PHE A 90 4.00 3.35 -10.48
CA PHE A 90 3.38 2.81 -9.27
C PHE A 90 1.87 2.70 -9.46
N LYS A 91 1.26 3.73 -10.02
CA LYS A 91 -0.17 3.72 -10.30
C LYS A 91 -0.56 2.55 -11.19
N SER A 92 0.19 2.33 -12.26
CA SER A 92 -0.10 1.22 -13.16
C SER A 92 0.03 -0.11 -12.43
N SER A 93 1.05 -0.23 -11.58
CA SER A 93 1.28 -1.49 -10.85
C SER A 93 0.15 -1.79 -9.86
N ILE A 94 -0.30 -0.80 -9.11
CA ILE A 94 -1.34 -1.05 -8.11
C ILE A 94 -2.69 -1.28 -8.78
N LEU A 95 -2.98 -0.55 -9.85
CA LEU A 95 -4.20 -0.81 -10.61
C LEU A 95 -4.19 -2.22 -11.20
N GLY A 96 -3.04 -2.69 -11.66
CA GLY A 96 -2.92 -4.03 -12.17
C GLY A 96 -3.23 -5.07 -11.10
N GLU A 97 -2.72 -4.84 -9.89
CA GLU A 97 -2.96 -5.74 -8.78
C GLU A 97 -4.44 -5.77 -8.42
N ILE A 98 -5.07 -4.61 -8.38
CA ILE A 98 -6.49 -4.55 -8.04
C ILE A 98 -7.32 -5.26 -9.10
N GLU A 99 -6.96 -5.08 -10.37
CA GLU A 99 -7.66 -5.70 -11.49
C GLU A 99 -7.62 -7.23 -11.40
N ARG A 100 -6.49 -7.77 -10.97
CA ARG A 100 -6.38 -9.21 -10.75
C ARG A 100 -7.26 -9.66 -9.58
N ILE A 101 -7.22 -8.90 -8.49
CA ILE A 101 -8.00 -9.25 -7.31
C ILE A 101 -9.50 -9.22 -7.61
N GLU A 102 -9.92 -8.26 -8.44
CA GLU A 102 -11.32 -8.15 -8.84
C GLU A 102 -11.88 -9.47 -9.43
N LYS A 103 -11.03 -10.22 -10.12
CA LYS A 103 -11.47 -11.48 -10.75
C LYS A 103 -11.91 -12.52 -9.73
N PHE A 105 -13.74 -11.79 -7.14
CA PHE A 105 -14.91 -11.27 -6.43
C PHE A 105 -16.08 -10.87 -7.32
N THR A 106 -16.05 -11.33 -8.58
CA THR A 106 -17.14 -11.03 -9.49
C THR A 106 -18.44 -11.62 -8.99
N ASP A 107 -19.52 -10.93 -9.32
CA ASP A 107 -20.85 -11.43 -9.03
C ASP A 107 -21.46 -12.01 -10.30
N GLY A 108 -22.63 -12.62 -10.17
CA GLY A 108 -23.32 -13.17 -11.32
C GLY A 108 -22.47 -14.14 -12.12
N SER A 109 -22.56 -14.01 -13.44
CA SER A 109 -21.85 -14.86 -14.39
C SER A 109 -21.16 -14.03 -15.47
N SER B 3 12.23 16.00 -0.04
CA SER B 3 10.87 15.47 -0.35
C SER B 3 10.91 14.68 -1.65
N ASN B 4 10.49 13.43 -1.60
CA ASN B 4 10.60 12.55 -2.75
C ASN B 4 9.39 11.62 -2.86
N PRO B 5 9.07 11.21 -4.07
CA PRO B 5 7.87 10.42 -4.31
C PRO B 5 7.82 9.07 -3.60
N LEU B 6 8.94 8.38 -3.45
CA LEU B 6 8.93 7.10 -2.74
C LEU B 6 8.63 7.30 -1.25
N GLY B 7 9.24 8.30 -0.63
CA GLY B 7 8.94 8.60 0.75
C GLY B 7 7.48 8.96 0.97
N GLU B 8 6.91 9.72 0.05
CA GLU B 8 5.50 10.09 0.14
C GLU B 8 4.58 8.87 -0.09
N LEU B 9 4.98 7.98 -0.99
CA LEU B 9 4.24 6.73 -1.20
C LEU B 9 4.29 5.85 0.04
N VAL B 10 5.45 5.79 0.71
CA VAL B 10 5.53 5.01 1.92
C VAL B 10 4.50 5.51 2.94
N LYS B 11 4.44 6.82 3.14
CA LYS B 11 3.51 7.42 4.09
C LYS B 11 2.06 7.14 3.72
N ALA B 12 1.74 7.33 2.44
CA ALA B 12 0.37 7.14 1.97
C ALA B 12 -0.05 5.67 2.09
N LEU B 13 0.88 4.76 1.80
CA LEU B 13 0.62 3.32 1.88
C LEU B 13 0.47 2.86 3.33
N GLU B 14 1.14 3.53 4.26
CA GLU B 14 0.93 3.27 5.68
C GLU B 14 -0.50 3.64 6.07
N LYS B 15 -0.95 4.80 5.65
CA LYS B 15 -2.31 5.26 5.94
C LYS B 15 -3.38 4.34 5.31
N LEU B 16 -3.06 3.72 4.16
CA LEU B 16 -4.02 2.85 3.48
C LEU B 16 -3.84 1.38 3.87
N SER B 17 -2.91 1.12 4.80
CA SER B 17 -2.66 -0.24 5.29
C SER B 17 -3.80 -0.76 6.16
N PHE B 18 -3.87 -2.08 6.26
CA PHE B 18 -4.82 -2.77 7.14
C PHE B 18 -4.06 -3.44 8.26
N LYS B 19 -4.61 -3.39 9.46
CA LYS B 19 -4.14 -4.24 10.54
C LYS B 19 -4.65 -5.66 10.29
N PRO B 20 -3.91 -6.69 10.67
CA PRO B 20 -4.40 -8.07 10.53
C PRO B 20 -5.80 -8.25 11.13
N SER B 21 -6.07 -7.57 12.23
CA SER B 21 -7.40 -7.63 12.82
C SER B 21 -8.50 -7.09 11.92
N ASP B 22 -8.19 -6.08 11.09
CA ASP B 22 -9.19 -5.56 10.16
C ASP B 22 -9.68 -6.66 9.22
N VAL B 23 -8.72 -7.44 8.72
CA VAL B 23 -9.01 -8.55 7.82
C VAL B 23 -9.92 -9.57 8.50
N ARG B 24 -9.63 -9.88 9.77
CA ARG B 24 -10.41 -10.83 10.53
C ARG B 24 -11.80 -10.30 10.87
N ILE B 25 -11.92 -9.01 11.14
CA ILE B 25 -13.21 -8.39 11.45
C ILE B 25 -14.09 -8.45 10.22
N TYR B 26 -13.53 -8.09 9.08
CA TYR B 26 -14.29 -8.12 7.82
C TYR B 26 -14.74 -9.54 7.50
N SER B 27 -13.84 -10.50 7.63
CA SER B 27 -14.14 -11.91 7.40
C SER B 27 -15.31 -12.37 8.26
N LEU B 28 -15.26 -12.05 9.54
CA LEU B 28 -16.28 -12.48 10.46
C LEU B 28 -17.66 -11.92 10.08
N LEU B 29 -17.71 -10.64 9.75
CA LEU B 29 -18.98 -10.02 9.39
C LEU B 29 -19.48 -10.59 8.06
N LEU B 30 -18.58 -10.82 7.12
CA LEU B 30 -19.02 -11.36 5.84
C LEU B 30 -19.57 -12.79 6.02
N GLU B 31 -18.87 -13.59 6.84
CA GLU B 31 -19.22 -15.00 7.08
C GLU B 31 -20.52 -15.13 7.87
N ARG B 32 -20.70 -14.28 8.86
CA ARG B 32 -21.74 -14.50 9.87
C ARG B 32 -22.83 -13.47 9.93
N GLY B 33 -22.65 -12.34 9.22
CA GLY B 33 -23.64 -11.28 9.19
C GLY B 33 -23.39 -10.16 10.18
N GLY B 34 -24.38 -9.28 10.31
CA GLY B 34 -24.25 -8.09 11.12
C GLY B 34 -24.09 -8.43 12.58
N ARG B 36 -22.84 -6.92 16.78
CA ARG B 36 -22.46 -5.86 17.71
C ARG B 36 -20.96 -5.93 18.00
N VAL B 37 -20.38 -4.80 18.41
CA VAL B 37 -18.94 -4.75 18.71
C VAL B 37 -18.53 -5.80 19.74
N SER B 38 -19.30 -5.96 20.80
CA SER B 38 -18.95 -6.92 21.85
C SER B 38 -18.90 -8.35 21.32
N GLU B 39 -19.79 -8.67 20.39
CA GLU B 39 -19.86 -10.00 19.80
C GLU B 39 -18.62 -10.27 18.93
N ILE B 40 -18.23 -9.27 18.16
CA ILE B 40 -17.06 -9.40 17.29
C ILE B 40 -15.80 -9.57 18.14
N ALA B 41 -15.67 -8.72 19.15
CA ALA B 41 -14.54 -8.78 20.05
C ALA B 41 -14.41 -10.13 20.74
N ARG B 42 -15.53 -10.68 21.23
CA ARG B 42 -15.54 -11.97 21.90
C ARG B 42 -15.06 -13.07 20.95
N GLU B 43 -15.62 -13.09 19.74
CA GLU B 43 -15.29 -14.15 18.79
C GLU B 43 -13.83 -14.12 18.37
N LEU B 44 -13.29 -12.91 18.19
CA LEU B 44 -11.94 -12.73 17.68
C LEU B 44 -10.88 -12.68 18.79
N ASP B 45 -11.33 -12.73 20.05
CA ASP B 45 -10.45 -12.54 21.21
C ASP B 45 -9.62 -11.26 21.09
N LEU B 46 -10.34 -10.17 20.90
CA LEU B 46 -9.81 -8.83 20.84
C LEU B 46 -10.50 -7.93 21.85
N SER B 47 -9.80 -6.87 22.23
CA SER B 47 -10.37 -5.78 22.99
C SER B 47 -11.56 -5.16 22.27
N ALA B 48 -12.66 -4.95 22.98
CA ALA B 48 -13.84 -4.32 22.40
C ALA B 48 -13.56 -2.89 21.95
N ARG B 49 -12.79 -2.15 22.73
CA ARG B 49 -12.41 -0.79 22.33
C ARG B 49 -11.64 -0.81 21.01
N PHE B 50 -10.72 -1.76 20.92
CA PHE B 50 -9.89 -1.89 19.73
C PHE B 50 -10.75 -2.23 18.51
N VAL B 51 -11.65 -3.19 18.64
CA VAL B 51 -12.56 -3.55 17.56
C VAL B 51 -13.41 -2.36 17.16
N ARG B 52 -13.96 -1.67 18.15
CA ARG B 52 -14.70 -0.44 17.93
C ARG B 52 -13.90 0.54 17.08
N ASP B 53 -12.66 0.80 17.46
CA ASP B 53 -11.87 1.82 16.78
C ASP B 53 -11.52 1.38 15.37
N ARG B 54 -11.22 0.10 15.19
CA ARG B 54 -10.95 -0.40 13.85
C ARG B 54 -12.20 -0.35 12.97
N LEU B 55 -13.36 -0.66 13.53
CA LEU B 55 -14.61 -0.54 12.78
C LEU B 55 -14.87 0.91 12.35
N LYS B 56 -14.53 1.88 13.19
CA LYS B 56 -14.67 3.28 12.82
C LYS B 56 -13.76 3.62 11.63
N VAL B 57 -12.56 3.07 11.61
CA VAL B 57 -11.65 3.29 10.47
C VAL B 57 -12.23 2.66 9.22
N LEU B 58 -12.68 1.42 9.34
CA LEU B 58 -13.21 0.69 8.19
C LEU B 58 -14.48 1.33 7.66
N LEU B 59 -15.27 1.93 8.55
CA LEU B 59 -16.51 2.63 8.19
C LEU B 59 -16.18 3.86 7.35
N LYS B 60 -15.21 4.63 7.79
CA LYS B 60 -14.78 5.83 7.09
C LYS B 60 -14.21 5.50 5.71
N ARG B 61 -13.59 4.32 5.60
CA ARG B 61 -13.02 3.84 4.34
C ARG B 61 -14.07 3.24 3.40
N GLY B 62 -15.27 2.98 3.92
CA GLY B 62 -16.36 2.44 3.11
C GLY B 62 -16.38 0.94 3.00
N PHE B 63 -15.74 0.24 3.94
CA PHE B 63 -15.61 -1.21 3.90
C PHE B 63 -16.59 -1.94 4.82
N VAL B 64 -17.12 -1.23 5.82
CA VAL B 64 -18.24 -1.72 6.62
C VAL B 64 -19.31 -0.64 6.70
N ARG B 65 -20.53 -1.03 7.05
CA ARG B 65 -21.59 -0.10 7.33
C ARG B 65 -22.15 -0.40 8.71
N ARG B 66 -22.97 0.51 9.24
CA ARG B 66 -23.61 0.26 10.52
C ARG B 66 -25.02 0.85 10.56
N GLU B 67 -25.84 0.27 11.44
CA GLU B 67 -27.20 0.73 11.69
C GLU B 67 -27.34 0.87 13.20
N ILE B 68 -27.94 1.98 13.64
CA ILE B 68 -28.23 2.15 15.05
C ILE B 68 -29.45 1.30 15.45
N VAL B 69 -29.36 0.71 16.64
CA VAL B 69 -30.42 -0.10 17.19
C VAL B 69 -30.62 0.30 18.63
N GLU B 70 -31.87 0.39 19.06
CA GLU B 70 -32.17 0.70 20.44
C GLU B 70 -33.25 -0.22 20.98
N LYS B 71 -32.84 -1.37 21.48
CA LYS B 71 -33.76 -2.25 22.20
C LYS B 71 -33.08 -2.31 23.59
C LYS B 71 -33.95 -1.86 23.69
N GLY B 72 -33.54 -1.52 24.52
N GLY B 72 -32.89 -1.95 24.48
CA GLY B 72 -32.83 -1.31 25.77
C GLY B 72 -31.80 -0.21 25.56
N TRP B 73 -30.54 -0.60 25.61
CA TRP B 73 -29.44 0.31 25.38
C TRP B 73 -29.16 0.48 23.89
N VAL B 74 -28.74 1.68 23.53
CA VAL B 74 -28.40 2.01 22.14
C VAL B 74 -27.04 1.45 21.77
N GLY B 75 -26.92 1.03 20.52
CA GLY B 75 -25.69 0.45 20.01
C GLY B 75 -25.74 0.34 18.52
N TYR B 76 -24.63 -0.04 17.90
CA TYR B 76 -24.57 -0.19 16.46
C TYR B 76 -24.43 -1.65 16.09
N ILE B 77 -25.09 -2.05 15.01
CA ILE B 77 -24.84 -3.33 14.37
C ILE B 77 -24.03 -3.03 13.11
N TYR B 78 -22.85 -3.62 13.04
CA TYR B 78 -21.93 -3.45 11.91
C TYR B 78 -22.03 -4.62 10.94
N SER B 79 -21.97 -4.32 9.64
CA SER B 79 -21.97 -5.36 8.61
C SER B 79 -20.91 -5.06 7.58
N ALA B 80 -20.48 -6.09 6.87
CA ALA B 80 -19.49 -5.94 5.80
C ALA B 80 -20.14 -5.35 4.56
N GLU B 81 -19.48 -4.38 3.95
CA GLU B 81 -19.84 -3.98 2.59
C GLU B 81 -19.40 -5.09 1.65
N LYS B 82 -20.06 -5.20 0.50
CA LYS B 82 -19.76 -6.29 -0.41
C LYS B 82 -18.36 -6.09 -1.00
N PRO B 83 -17.65 -7.18 -1.28
CA PRO B 83 -16.29 -7.07 -1.83
C PRO B 83 -16.10 -6.12 -3.00
N GLU B 84 -17.04 -6.08 -3.93
CA GLU B 84 -16.85 -5.18 -5.08
C GLU B 84 -16.90 -3.72 -4.68
N LYS B 85 -17.70 -3.38 -3.66
CA LYS B 85 -17.68 -2.01 -3.11
C LYS B 85 -16.35 -1.75 -2.39
N VAL B 86 -15.87 -2.72 -1.64
CA VAL B 86 -14.57 -2.57 -0.98
C VAL B 86 -13.48 -2.24 -2.01
N LEU B 87 -13.42 -3.02 -3.09
CA LEU B 87 -12.37 -2.81 -4.10
C LEU B 87 -12.54 -1.48 -4.81
N LYS B 88 -13.77 -1.10 -5.10
CA LYS B 88 -14.07 0.18 -5.75
C LYS B 88 -13.63 1.37 -4.89
N GLU B 89 -13.94 1.30 -3.60
CA GLU B 89 -13.60 2.38 -2.68
C GLU B 89 -12.09 2.46 -2.48
N PHE B 90 -11.44 1.31 -2.31
CA PHE B 90 -9.99 1.26 -2.14
C PHE B 90 -9.30 1.85 -3.36
N LYS B 91 -9.76 1.48 -4.54
CA LYS B 91 -9.18 1.98 -5.79
C LYS B 91 -9.29 3.50 -5.83
N SER B 92 -10.48 4.01 -5.56
CA SER B 92 -10.69 5.46 -5.54
C SER B 92 -9.74 6.15 -4.56
N SER B 93 -9.60 5.57 -3.37
CA SER B 93 -8.79 6.15 -2.32
C SER B 93 -7.31 6.18 -2.69
N ILE B 94 -6.78 5.06 -3.16
CA ILE B 94 -5.36 5.01 -3.51
C ILE B 94 -5.06 5.91 -4.73
N LEU B 95 -5.98 5.97 -5.70
CA LEU B 95 -5.79 6.88 -6.83
C LEU B 95 -5.77 8.32 -6.37
N GLY B 96 -6.68 8.67 -5.45
CA GLY B 96 -6.71 10.00 -4.87
C GLY B 96 -5.40 10.34 -4.21
N GLU B 97 -4.81 9.39 -3.50
CA GLU B 97 -3.56 9.64 -2.79
C GLU B 97 -2.40 9.82 -3.76
N ILE B 98 -2.33 8.99 -4.78
CA ILE B 98 -1.29 9.13 -5.79
C ILE B 98 -1.42 10.47 -6.51
N GLU B 99 -2.64 10.86 -6.85
CA GLU B 99 -2.89 12.14 -7.49
C GLU B 99 -2.45 13.32 -6.60
N ARG B 100 -2.71 13.22 -5.31
CA ARG B 100 -2.27 14.26 -4.37
C ARG B 100 -0.76 14.38 -4.36
N ILE B 101 -0.07 13.24 -4.37
CA ILE B 101 1.39 13.23 -4.37
C ILE B 101 1.92 13.75 -5.70
N GLU B 102 1.24 13.41 -6.79
CA GLU B 102 1.60 13.92 -8.10
C GLU B 102 1.60 15.44 -8.09
N LYS B 103 0.60 16.02 -7.42
CA LYS B 103 0.46 17.49 -7.36
C LYS B 103 1.53 18.14 -6.49
N PHE B 105 4.58 17.46 -6.60
CA PHE B 105 5.72 17.65 -7.49
C PHE B 105 5.44 18.57 -8.68
N THR B 106 4.21 18.59 -9.20
CA THR B 106 3.88 19.55 -10.26
C THR B 106 3.65 20.93 -9.66
#